data_6R9J
#
_entry.id   6R9J
#
_cell.length_a   91.480
_cell.length_b   116.409
_cell.length_c   257.833
_cell.angle_alpha   90.000
_cell.angle_beta   90.000
_cell.angle_gamma   90.000
#
_symmetry.space_group_name_H-M   'I 2 2 2'
#
loop_
_entity.id
_entity.type
_entity.pdbx_description
1 polymer 'PAN2-PAN3 deadenylation complex catalytic subunit PAN2'
2 polymer 'A7 RNA'
#
loop_
_entity_poly.entity_id
_entity_poly.type
_entity_poly.pdbx_seq_one_letter_code
_entity_poly.pdbx_strand_id
1 'polypeptide(L)'
;MHHHHHHHHLEVLFQGPTSDIQTYTSINKYEVPPAYSRLPLTSGRFGTDNFDFTPFNNTEYSGLDPDVDNHYTNAIIQLY
RFIPEMFNFVVGCLKDENFETTLLTDLGYLFDMMERSHGKICSSSNFQASLKSLTDKRQLENGEPQEHLEEYLESLCIRE
SIEDFNSSESIKRNMPQKFNRFLLSQLIKEEAQTVNHNITLNQCFGLETEIRTECSCDHYDTTVKLLPSLSISGINKTVI
KQLNKKSNGQNILPYIEYAMKNVTQKNSICPTCGKTETITQECTVKNLPSVLSLELSLLDTEFSNIRSSKNWLTSEFYGS
IIKNKAVLRSTASELKGTSHIFKYELNGYVAKITDNNNETRLVTYVKKYNPKENCFKWLMFNDYLVVEITEEEALKMTYP
WKTPEIIIYCDAEELRKPFFSVDTYSINYDILFRDYFANGIRDTARREYKLLTHDEAPKSGTLVAIDAAFVSLQSELCEI
DHQGIRSIIRPKRTALARISIIRGEEGELYGVPFVDDYVVNTNHIEDYLTRYSGILPGDLDPEKSTKRLVRRNVVYRKVW
LLMQLGCVFVGHGLNNDFKHININVPRNQIRDTAIYFLQGKRYLSLRYLAYVLLGMNIQEGNHDSIEDAHTALILYKKYL
HLKEKAIFEKVLNSVYEEGRAHNFKVPETSKG
;
A
2 'polyribonucleotide' AAAAAAA B
#
loop_
_chem_comp.id
_chem_comp.type
_chem_comp.name
_chem_comp.formula
A RNA linking ADENOSINE-5'-MONOPHOSPHATE 'C10 H14 N5 O7 P'
#
# COMPACT_ATOMS: atom_id res chain seq x y z
N SER A 19 -14.66 -7.08 -26.04
CA SER A 19 -13.32 -7.15 -26.60
C SER A 19 -12.41 -6.09 -25.97
N ASP A 20 -12.86 -5.55 -24.84
CA ASP A 20 -12.13 -4.47 -24.18
C ASP A 20 -11.00 -5.04 -23.32
N ILE A 21 -10.43 -4.19 -22.47
CA ILE A 21 -9.22 -4.54 -21.73
C ILE A 21 -9.49 -5.61 -20.68
N GLN A 22 -10.72 -5.70 -20.17
CA GLN A 22 -11.01 -6.68 -19.12
C GLN A 22 -11.00 -8.12 -19.61
N THR A 23 -10.79 -8.35 -20.91
CA THR A 23 -10.64 -9.71 -21.42
C THR A 23 -9.31 -10.27 -20.94
N TYR A 24 -9.38 -11.36 -20.15
CA TYR A 24 -8.19 -11.96 -19.57
C TYR A 24 -7.87 -13.32 -20.17
N THR A 25 -8.50 -13.68 -21.28
CA THR A 25 -8.28 -14.98 -21.93
C THR A 25 -8.32 -14.81 -23.44
N SER A 26 -7.17 -14.95 -24.07
CA SER A 26 -7.08 -14.94 -25.53
C SER A 26 -7.20 -16.37 -26.05
N ILE A 27 -7.65 -16.49 -27.30
CA ILE A 27 -7.86 -17.82 -27.89
C ILE A 27 -6.53 -18.55 -28.02
N ASN A 28 -5.49 -17.86 -28.48
CA ASN A 28 -4.18 -18.46 -28.62
C ASN A 28 -3.34 -18.24 -27.36
N LYS A 29 -2.35 -19.11 -27.18
CA LYS A 29 -1.51 -19.04 -25.99
C LYS A 29 -0.45 -17.95 -26.09
N TYR A 30 -0.01 -17.63 -27.31
CA TYR A 30 1.07 -16.65 -27.47
C TYR A 30 0.57 -15.22 -27.31
N GLU A 31 -0.72 -14.97 -27.57
CA GLU A 31 -1.27 -13.62 -27.47
C GLU A 31 -1.61 -13.32 -26.02
N VAL A 32 -0.98 -12.30 -25.46
CA VAL A 32 -1.30 -11.87 -24.09
C VAL A 32 -2.63 -11.13 -24.10
N PRO A 33 -3.56 -11.45 -23.22
CA PRO A 33 -4.82 -10.73 -23.15
C PRO A 33 -4.60 -9.27 -22.78
N PRO A 34 -5.53 -8.38 -23.12
CA PRO A 34 -5.36 -6.96 -22.77
C PRO A 34 -5.40 -6.70 -21.28
N ALA A 35 -5.89 -7.65 -20.46
CA ALA A 35 -5.88 -7.47 -19.02
C ALA A 35 -4.46 -7.51 -18.45
N TYR A 36 -3.50 -8.03 -19.19
CA TYR A 36 -2.12 -8.10 -18.76
C TYR A 36 -1.21 -7.09 -19.46
N SER A 37 -1.76 -6.28 -20.37
CA SER A 37 -0.96 -5.33 -21.12
C SER A 37 -0.55 -4.15 -20.23
N ARG A 38 0.27 -3.28 -20.80
CA ARG A 38 0.72 -2.10 -20.07
C ARG A 38 -0.41 -1.07 -19.98
N LEU A 39 -0.65 -0.57 -18.78
CA LEU A 39 -1.72 0.40 -18.56
C LEU A 39 -1.16 1.82 -18.56
N PRO A 40 -1.83 2.76 -19.22
CA PRO A 40 -1.32 4.14 -19.27
C PRO A 40 -1.46 4.83 -17.91
N LEU A 41 -0.40 5.51 -17.52
CA LEU A 41 -0.42 6.23 -16.25
C LEU A 41 -1.48 7.33 -16.27
N THR A 42 -1.97 7.70 -15.09
CA THR A 42 -3.02 8.69 -14.98
C THR A 42 -2.46 10.11 -15.02
N SER A 43 -1.67 10.41 -16.03
CA SER A 43 -1.05 11.73 -16.22
C SER A 43 -0.32 12.22 -14.97
N THR A 48 -3.68 12.71 -12.92
CA THR A 48 -4.19 13.30 -11.68
C THR A 48 -5.60 13.85 -11.91
N ASP A 49 -5.83 14.40 -13.11
CA ASP A 49 -7.12 14.97 -13.47
C ASP A 49 -8.12 13.89 -13.85
N ASN A 50 -9.22 14.28 -14.47
CA ASN A 50 -10.34 13.38 -14.76
C ASN A 50 -9.87 12.07 -15.37
N PHE A 51 -10.16 10.97 -14.67
CA PHE A 51 -9.82 9.63 -15.13
C PHE A 51 -10.74 8.66 -14.40
N ASP A 52 -11.64 8.02 -15.14
CA ASP A 52 -12.57 7.06 -14.58
C ASP A 52 -12.03 5.65 -14.77
N PHE A 53 -12.09 4.85 -13.70
CA PHE A 53 -11.65 3.46 -13.75
C PHE A 53 -12.82 2.48 -13.83
N THR A 54 -14.00 2.95 -14.25
CA THR A 54 -15.13 2.06 -14.39
C THR A 54 -14.90 0.94 -15.41
N PRO A 55 -14.28 1.18 -16.57
CA PRO A 55 -13.92 0.05 -17.44
C PRO A 55 -12.71 -0.72 -16.96
N PHE A 56 -12.04 -0.28 -15.90
CA PHE A 56 -10.86 -0.94 -15.35
C PHE A 56 -11.20 -1.84 -14.17
N ASN A 57 -12.00 -1.36 -13.23
CA ASN A 57 -12.36 -2.10 -12.04
C ASN A 57 -13.84 -1.89 -11.76
N ASN A 58 -14.58 -2.98 -11.57
CA ASN A 58 -16.00 -2.94 -11.28
C ASN A 58 -16.34 -3.88 -10.13
N THR A 59 -15.53 -3.83 -9.06
CA THR A 59 -15.78 -4.64 -7.87
C THR A 59 -15.27 -3.88 -6.66
N GLU A 60 -15.55 -4.44 -5.47
CA GLU A 60 -15.20 -3.77 -4.23
C GLU A 60 -13.69 -3.68 -4.03
N TYR A 61 -12.94 -4.58 -4.63
CA TYR A 61 -11.51 -4.69 -4.35
C TYR A 61 -10.73 -3.68 -5.17
N SER A 62 -10.05 -2.76 -4.49
CA SER A 62 -9.43 -1.60 -5.09
C SER A 62 -8.13 -1.97 -5.78
N GLY A 63 -7.49 -0.97 -6.39
CA GLY A 63 -6.20 -1.14 -7.04
C GLY A 63 -5.26 -0.01 -6.66
N LEU A 64 -4.04 -0.12 -7.14
CA LEU A 64 -2.95 0.81 -6.81
C LEU A 64 -2.43 1.44 -8.09
N ASP A 65 -2.45 2.77 -8.16
CA ASP A 65 -1.94 3.45 -9.34
C ASP A 65 -0.44 3.23 -9.46
N PRO A 66 0.10 3.11 -10.68
CA PRO A 66 1.51 2.77 -10.84
C PRO A 66 2.47 3.96 -10.79
N ASP A 67 1.98 5.16 -10.51
CA ASP A 67 2.82 6.36 -10.55
C ASP A 67 3.69 6.47 -9.28
N VAL A 68 4.55 5.47 -9.10
CA VAL A 68 5.54 5.46 -8.03
C VAL A 68 6.90 5.10 -8.64
N ASP A 69 7.93 5.10 -7.80
CA ASP A 69 9.29 4.87 -8.28
C ASP A 69 9.43 3.47 -8.87
N ASN A 70 9.25 2.45 -8.04
CA ASN A 70 9.30 1.05 -8.48
C ASN A 70 7.93 0.42 -8.21
N HIS A 71 7.09 0.38 -9.24
CA HIS A 71 5.70 -0.03 -9.07
C HIS A 71 5.52 -1.55 -9.07
N TYR A 72 6.59 -2.34 -9.00
CA TYR A 72 6.43 -3.77 -8.88
C TYR A 72 6.04 -4.19 -7.48
N THR A 73 6.30 -3.35 -6.47
CA THR A 73 5.97 -3.69 -5.09
C THR A 73 4.47 -3.72 -4.84
N ASN A 74 3.67 -3.03 -5.66
CA ASN A 74 2.22 -3.08 -5.49
C ASN A 74 1.69 -4.49 -5.71
N ALA A 75 2.31 -5.26 -6.60
CA ALA A 75 1.88 -6.65 -6.80
C ALA A 75 2.11 -7.48 -5.54
N ILE A 76 3.13 -7.14 -4.75
CA ILE A 76 3.40 -7.86 -3.52
C ILE A 76 2.49 -7.37 -2.39
N ILE A 77 2.18 -6.07 -2.37
CA ILE A 77 1.30 -5.53 -1.34
C ILE A 77 -0.08 -6.18 -1.40
N GLN A 78 -0.63 -6.31 -2.62
CA GLN A 78 -1.92 -6.95 -2.77
C GLN A 78 -1.86 -8.46 -2.53
N LEU A 79 -0.68 -9.06 -2.66
CA LEU A 79 -0.55 -10.46 -2.30
C LEU A 79 -0.70 -10.67 -0.80
N TYR A 80 -0.09 -9.80 0.00
CA TYR A 80 -0.22 -9.87 1.45
C TYR A 80 -1.53 -9.28 1.96
N ARG A 81 -2.19 -8.44 1.16
CA ARG A 81 -3.41 -7.78 1.60
C ARG A 81 -4.53 -8.79 1.85
N PHE A 82 -4.56 -9.88 1.09
CA PHE A 82 -5.66 -10.85 1.15
C PHE A 82 -5.31 -12.09 1.97
N ILE A 83 -4.34 -11.98 2.87
CA ILE A 83 -4.08 -13.01 3.87
C ILE A 83 -4.75 -12.56 5.18
N PRO A 84 -5.79 -13.25 5.65
CA PRO A 84 -6.52 -12.74 6.83
C PRO A 84 -5.65 -12.61 8.07
N GLU A 85 -4.70 -13.51 8.27
CA GLU A 85 -3.80 -13.39 9.41
C GLU A 85 -2.84 -12.23 9.23
N MET A 86 -2.34 -12.03 8.01
CA MET A 86 -1.47 -10.89 7.73
C MET A 86 -2.24 -9.58 7.79
N PHE A 87 -3.44 -9.54 7.21
CA PHE A 87 -4.21 -8.30 7.15
C PHE A 87 -4.66 -7.85 8.54
N ASN A 88 -5.25 -8.76 9.31
CA ASN A 88 -5.84 -8.40 10.59
C ASN A 88 -4.82 -7.89 11.59
N PHE A 89 -3.55 -8.26 11.44
CA PHE A 89 -2.54 -7.81 12.39
C PHE A 89 -1.99 -6.43 12.04
N VAL A 90 -1.61 -6.24 10.78
CA VAL A 90 -1.01 -4.97 10.37
C VAL A 90 -1.98 -3.81 10.58
N VAL A 91 -3.25 -4.01 10.22
CA VAL A 91 -4.25 -2.98 10.47
C VAL A 91 -4.61 -2.94 11.95
N GLY A 92 -4.43 -4.05 12.66
CA GLY A 92 -4.73 -4.07 14.08
C GLY A 92 -3.84 -3.16 14.90
N CYS A 93 -2.59 -3.00 14.48
CA CYS A 93 -1.65 -2.13 15.19
C CYS A 93 -1.98 -0.65 15.04
N LEU A 94 -3.02 -0.30 14.27
CA LEU A 94 -3.35 1.10 14.07
C LEU A 94 -4.07 1.72 15.26
N LYS A 95 -4.60 0.91 16.18
CA LYS A 95 -5.23 1.45 17.37
C LYS A 95 -4.21 2.05 18.32
N ASP A 96 -3.06 1.40 18.47
CA ASP A 96 -1.98 1.88 19.31
C ASP A 96 -1.08 2.83 18.53
N GLU A 97 -0.40 3.71 19.27
CA GLU A 97 0.54 4.65 18.67
C GLU A 97 1.88 3.96 18.45
N ASN A 98 2.27 3.82 17.18
CA ASN A 98 3.51 3.16 16.80
C ASN A 98 4.20 4.04 15.75
N PHE A 99 5.08 4.92 16.22
CA PHE A 99 5.75 5.87 15.34
C PHE A 99 7.13 5.45 14.91
N GLU A 100 7.86 4.72 15.77
CA GLU A 100 9.21 4.29 15.42
C GLU A 100 9.20 3.25 14.31
N THR A 101 8.23 2.34 14.34
CA THR A 101 8.10 1.31 13.31
C THR A 101 7.39 1.91 12.10
N THR A 102 8.20 2.46 11.19
CA THR A 102 7.65 3.22 10.07
C THR A 102 7.02 2.30 9.04
N LEU A 103 7.71 1.22 8.66
CA LEU A 103 7.25 0.38 7.55
C LEU A 103 6.01 -0.42 7.93
N LEU A 104 5.88 -0.82 9.20
CA LEU A 104 4.73 -1.64 9.59
C LEU A 104 3.45 -0.82 9.68
N THR A 105 3.55 0.45 10.10
CA THR A 105 2.35 1.27 10.25
C THR A 105 1.91 1.89 8.93
N ASP A 106 2.86 2.25 8.07
CA ASP A 106 2.48 2.72 6.73
C ASP A 106 1.80 1.63 5.93
N LEU A 107 2.20 0.37 6.13
CA LEU A 107 1.49 -0.74 5.51
C LEU A 107 0.09 -0.89 6.09
N GLY A 108 -0.07 -0.58 7.38
CA GLY A 108 -1.40 -0.59 7.97
C GLY A 108 -2.28 0.54 7.48
N TYR A 109 -1.67 1.72 7.28
CA TYR A 109 -2.40 2.83 6.66
C TYR A 109 -2.81 2.47 5.24
N LEU A 110 -1.94 1.79 4.51
CA LEU A 110 -2.26 1.37 3.14
C LEU A 110 -3.34 0.30 3.14
N PHE A 111 -3.16 -0.74 3.97
CA PHE A 111 -4.15 -1.82 4.01
C PHE A 111 -5.52 -1.31 4.44
N ASP A 112 -5.55 -0.39 5.40
CA ASP A 112 -6.84 0.14 5.86
C ASP A 112 -7.49 0.99 4.79
N MET A 113 -6.70 1.74 4.02
CA MET A 113 -7.26 2.60 2.99
C MET A 113 -7.82 1.78 1.83
N MET A 114 -7.10 0.74 1.41
CA MET A 114 -7.56 -0.08 0.29
C MET A 114 -8.86 -0.81 0.61
N GLU A 115 -9.12 -1.08 1.88
CA GLU A 115 -10.40 -1.67 2.27
C GLU A 115 -11.49 -0.61 2.41
N ARG A 116 -11.13 0.59 2.84
CA ARG A 116 -12.12 1.66 2.98
C ARG A 116 -12.53 2.28 1.65
N SER A 117 -11.70 2.13 0.61
CA SER A 117 -12.04 2.71 -0.69
C SER A 117 -13.19 1.97 -1.35
N HIS A 118 -13.29 0.66 -1.13
CA HIS A 118 -14.36 -0.17 -1.71
C HIS A 118 -14.41 -0.03 -3.22
N GLY A 119 -13.22 -0.03 -3.84
CA GLY A 119 -13.09 0.06 -5.28
C GLY A 119 -12.31 1.29 -5.75
N LYS A 120 -12.42 2.39 -5.01
CA LYS A 120 -11.74 3.62 -5.39
C LYS A 120 -10.23 3.40 -5.44
N ILE A 121 -9.56 4.22 -6.26
CA ILE A 121 -8.13 4.05 -6.47
C ILE A 121 -7.37 4.41 -5.20
N CYS A 122 -6.20 3.79 -5.05
CA CYS A 122 -5.33 4.05 -3.90
C CYS A 122 -3.90 4.15 -4.40
N SER A 123 -3.05 4.74 -3.56
CA SER A 123 -1.64 4.91 -3.88
C SER A 123 -0.78 4.46 -2.70
N SER A 124 0.39 3.93 -3.02
CA SER A 124 1.37 3.52 -2.02
C SER A 124 2.57 4.47 -1.97
N SER A 125 2.33 5.75 -2.25
CA SER A 125 3.41 6.72 -2.27
C SER A 125 3.98 6.95 -0.87
N ASN A 126 3.10 7.00 0.13
CA ASN A 126 3.56 7.17 1.50
C ASN A 126 4.33 5.95 1.98
N PHE A 127 3.85 4.75 1.63
CA PHE A 127 4.56 3.52 1.99
C PHE A 127 5.93 3.46 1.32
N GLN A 128 5.98 3.79 0.03
CA GLN A 128 7.25 3.74 -0.69
C GLN A 128 8.21 4.84 -0.24
N ALA A 129 7.68 5.95 0.26
CA ALA A 129 8.54 7.01 0.76
C ALA A 129 9.26 6.58 2.03
N SER A 130 8.57 5.85 2.91
CA SER A 130 9.22 5.33 4.10
C SER A 130 10.21 4.22 3.76
N LEU A 131 9.89 3.41 2.75
CA LEU A 131 10.79 2.33 2.35
C LEU A 131 12.07 2.89 1.75
N LYS A 132 11.97 3.98 0.99
CA LYS A 132 13.16 4.59 0.43
C LYS A 132 14.00 5.28 1.50
N SER A 133 13.35 5.98 2.44
CA SER A 133 14.07 6.65 3.51
C SER A 133 14.69 5.64 4.46
N LEU A 134 14.00 4.53 4.72
CA LEU A 134 14.56 3.48 5.58
C LEU A 134 15.75 2.80 4.91
N THR A 135 15.75 2.73 3.58
CA THR A 135 16.84 2.07 2.87
C THR A 135 18.14 2.86 2.98
N ASP A 136 18.06 4.19 3.03
CA ASP A 136 19.26 5.01 3.11
C ASP A 136 19.93 4.86 4.47
N LYS A 137 20.88 3.93 4.56
CA LYS A 137 21.57 3.66 5.81
C LYS A 137 22.92 2.99 5.56
N PRO A 145 22.45 -9.50 5.34
CA PRO A 145 22.85 -8.31 6.09
C PRO A 145 22.43 -7.01 5.41
N GLN A 146 23.34 -6.04 5.34
CA GLN A 146 23.03 -4.78 4.67
C GLN A 146 22.86 -4.98 3.16
N GLU A 147 23.53 -5.99 2.60
CA GLU A 147 23.44 -6.25 1.16
C GLU A 147 22.00 -6.54 0.72
N HIS A 148 21.13 -6.97 1.64
CA HIS A 148 19.73 -7.19 1.28
C HIS A 148 19.01 -5.89 1.00
N LEU A 149 19.26 -4.86 1.83
CA LEU A 149 18.62 -3.57 1.61
C LEU A 149 19.31 -2.75 0.52
N GLU A 150 20.60 -3.02 0.28
CA GLU A 150 21.30 -2.31 -0.79
C GLU A 150 20.73 -2.66 -2.15
N GLU A 151 20.26 -3.90 -2.33
CA GLU A 151 19.65 -4.28 -3.59
C GLU A 151 18.26 -3.65 -3.76
N TYR A 152 17.54 -3.47 -2.65
CA TYR A 152 16.20 -2.90 -2.74
C TYR A 152 16.22 -1.49 -3.32
N LEU A 153 17.31 -0.73 -3.08
CA LEU A 153 17.44 0.59 -3.67
C LEU A 153 17.86 0.52 -5.13
N GLU A 154 18.48 -0.59 -5.57
CA GLU A 154 18.88 -0.72 -6.96
C GLU A 154 17.67 -0.73 -7.88
N SER A 155 16.62 -1.45 -7.51
CA SER A 155 15.41 -1.53 -8.32
C SER A 155 14.48 -0.34 -8.11
N LEU A 156 14.81 0.58 -7.20
CA LEU A 156 13.95 1.74 -6.97
C LEU A 156 13.94 2.67 -8.18
N CYS A 157 15.10 3.07 -8.65
CA CYS A 157 15.21 3.96 -9.80
C CYS A 157 15.46 3.14 -11.07
N ILE A 158 14.47 2.31 -11.40
CA ILE A 158 14.54 1.45 -12.57
C ILE A 158 13.15 0.99 -12.97
N GLU A 169 13.30 -3.15 -20.27
CA GLU A 169 13.35 -3.99 -19.07
C GLU A 169 13.17 -3.15 -17.81
N SER A 170 12.05 -3.34 -17.13
CA SER A 170 11.73 -2.60 -15.91
C SER A 170 11.77 -3.48 -14.66
N ILE A 171 12.01 -4.78 -14.80
CA ILE A 171 12.06 -5.70 -13.68
C ILE A 171 13.26 -6.62 -13.86
N LYS A 172 14.11 -6.69 -12.84
CA LYS A 172 15.29 -7.54 -12.88
C LYS A 172 14.93 -8.98 -12.52
N ARG A 173 15.94 -9.85 -12.51
CA ARG A 173 15.75 -11.26 -12.20
C ARG A 173 15.79 -11.48 -10.69
N ASN A 174 14.85 -12.28 -10.19
CA ASN A 174 14.75 -12.63 -8.78
C ASN A 174 14.61 -11.41 -7.87
N MET A 175 14.19 -10.27 -8.42
CA MET A 175 14.08 -9.04 -7.65
C MET A 175 12.82 -9.00 -6.79
N PRO A 176 11.64 -9.43 -7.29
CA PRO A 176 10.49 -9.51 -6.39
C PRO A 176 10.70 -10.44 -5.22
N GLN A 177 11.43 -11.54 -5.41
CA GLN A 177 11.70 -12.46 -4.31
C GLN A 177 12.59 -11.80 -3.27
N LYS A 178 13.57 -10.99 -3.70
CA LYS A 178 14.43 -10.29 -2.76
C LYS A 178 13.63 -9.27 -1.96
N PHE A 179 12.67 -8.60 -2.60
CA PHE A 179 11.80 -7.69 -1.87
C PHE A 179 10.88 -8.47 -0.94
N ASN A 180 10.44 -9.65 -1.36
CA ASN A 180 9.63 -10.49 -0.49
C ASN A 180 10.39 -10.86 0.78
N ARG A 181 11.69 -11.14 0.64
CA ARG A 181 12.52 -11.39 1.81
C ARG A 181 12.64 -10.15 2.68
N PHE A 182 12.96 -9.01 2.06
CA PHE A 182 13.21 -7.79 2.82
C PHE A 182 11.95 -7.27 3.51
N LEU A 183 10.78 -7.43 2.88
CA LEU A 183 9.55 -6.94 3.49
C LEU A 183 9.18 -7.75 4.72
N LEU A 184 9.11 -9.08 4.57
CA LEU A 184 8.75 -9.92 5.71
C LEU A 184 9.80 -9.86 6.82
N SER A 185 11.07 -9.68 6.46
CA SER A 185 12.10 -9.55 7.48
C SER A 185 11.95 -8.24 8.24
N GLN A 186 11.70 -7.14 7.53
CA GLN A 186 11.57 -5.84 8.20
C GLN A 186 10.28 -5.74 8.99
N LEU A 187 9.23 -6.42 8.55
CA LEU A 187 7.96 -6.37 9.27
C LEU A 187 8.05 -7.09 10.61
N ILE A 188 8.68 -8.27 10.62
CA ILE A 188 8.81 -9.01 11.87
C ILE A 188 9.76 -8.30 12.82
N LYS A 189 10.86 -7.76 12.30
CA LYS A 189 11.80 -7.01 13.14
C LYS A 189 11.12 -5.80 13.77
N GLU A 190 10.22 -5.16 13.04
CA GLU A 190 9.46 -4.03 13.59
C GLU A 190 8.24 -4.48 14.38
N GLU A 191 7.80 -5.73 14.21
CA GLU A 191 6.65 -6.22 14.98
C GLU A 191 6.98 -6.42 16.45
N ALA A 192 8.27 -6.49 16.80
CA ALA A 192 8.69 -6.62 18.17
C ALA A 192 9.00 -5.27 18.84
N GLN A 193 8.85 -4.17 18.11
CA GLN A 193 9.10 -2.84 18.65
C GLN A 193 7.82 -2.06 18.93
N THR A 194 6.66 -2.62 18.64
CA THR A 194 5.41 -1.98 18.97
C THR A 194 5.11 -2.13 20.47
N VAL A 195 4.19 -1.29 20.96
CA VAL A 195 3.75 -1.42 22.33
C VAL A 195 3.06 -2.78 22.50
N ASN A 196 3.08 -3.29 23.73
CA ASN A 196 2.66 -4.65 24.06
C ASN A 196 3.19 -5.63 23.00
N HIS A 197 4.52 -5.69 22.93
CA HIS A 197 5.27 -6.33 21.85
C HIS A 197 4.61 -7.60 21.36
N ASN A 198 4.41 -7.67 20.04
CA ASN A 198 3.75 -8.80 19.40
C ASN A 198 4.77 -9.70 18.71
N ILE A 199 4.43 -10.98 18.62
CA ILE A 199 5.23 -11.96 17.89
C ILE A 199 4.33 -12.67 16.89
N THR A 200 3.29 -11.97 16.43
CA THR A 200 2.27 -12.61 15.62
C THR A 200 2.81 -13.01 14.25
N LEU A 201 3.58 -12.13 13.61
CA LEU A 201 4.09 -12.45 12.28
C LEU A 201 5.07 -13.61 12.30
N ASN A 202 5.74 -13.85 13.44
CA ASN A 202 6.63 -15.00 13.54
C ASN A 202 5.83 -16.30 13.66
N GLN A 203 4.70 -16.26 14.37
CA GLN A 203 3.87 -17.45 14.50
C GLN A 203 3.11 -17.80 13.22
N CYS A 204 3.21 -16.95 12.19
CA CYS A 204 2.59 -17.21 10.90
C CYS A 204 3.59 -17.54 9.81
N PHE A 205 4.73 -16.85 9.77
CA PHE A 205 5.76 -17.06 8.77
C PHE A 205 6.98 -17.79 9.32
N GLY A 206 6.88 -18.37 10.52
CA GLY A 206 8.05 -18.94 11.16
C GLY A 206 8.47 -20.24 10.50
N LEU A 207 9.74 -20.31 10.10
CA LEU A 207 10.35 -21.51 9.52
C LEU A 207 11.59 -21.83 10.36
N GLU A 208 11.42 -22.68 11.37
CA GLU A 208 12.53 -23.10 12.22
C GLU A 208 13.44 -24.01 11.40
N THR A 209 14.52 -23.44 10.86
CA THR A 209 15.37 -24.13 9.89
C THR A 209 16.66 -24.56 10.56
N GLU A 210 16.90 -25.87 10.61
CA GLU A 210 18.17 -26.42 11.05
C GLU A 210 19.17 -26.36 9.90
N ILE A 211 20.38 -25.91 10.21
CA ILE A 211 21.45 -25.77 9.22
C ILE A 211 22.65 -26.56 9.73
N ARG A 212 22.76 -27.81 9.31
CA ARG A 212 23.88 -28.68 9.71
C ARG A 212 25.05 -28.45 8.77
N THR A 213 26.18 -28.02 9.33
CA THR A 213 27.42 -27.84 8.58
C THR A 213 28.44 -28.85 9.11
N GLU A 214 28.80 -29.80 8.26
CA GLU A 214 29.67 -30.90 8.64
C GLU A 214 31.09 -30.61 8.17
N CYS A 215 31.98 -30.28 9.11
CA CYS A 215 33.39 -30.09 8.81
C CYS A 215 34.17 -31.37 9.03
N SER A 216 34.10 -31.93 10.24
CA SER A 216 34.72 -33.19 10.57
C SER A 216 33.67 -34.28 10.71
N CYS A 217 34.10 -35.53 10.53
CA CYS A 217 33.20 -36.66 10.67
C CYS A 217 32.82 -36.84 12.13
N ASP A 218 31.52 -37.02 12.39
CA ASP A 218 30.97 -37.13 13.74
C ASP A 218 31.23 -35.90 14.58
N HIS A 219 31.55 -34.77 13.95
CA HIS A 219 31.78 -33.51 14.65
C HIS A 219 31.37 -32.38 13.70
N TYR A 220 30.12 -31.94 13.84
CA TYR A 220 29.57 -30.91 12.97
C TYR A 220 29.00 -29.77 13.80
N ASP A 221 28.62 -28.70 13.11
CA ASP A 221 28.05 -27.52 13.72
C ASP A 221 26.67 -27.24 13.13
N THR A 222 25.71 -26.94 13.99
CA THR A 222 24.34 -26.67 13.57
C THR A 222 23.93 -25.27 13.99
N THR A 223 23.02 -24.68 13.23
CA THR A 223 22.50 -23.35 13.50
C THR A 223 21.02 -23.32 13.17
N VAL A 224 20.23 -22.74 14.06
CA VAL A 224 18.78 -22.61 13.88
C VAL A 224 18.41 -21.13 13.94
N LYS A 225 17.72 -20.66 12.90
CA LYS A 225 17.24 -19.29 12.87
C LYS A 225 15.93 -19.26 12.11
N LEU A 226 15.03 -18.38 12.55
CA LEU A 226 13.67 -18.33 12.00
C LEU A 226 13.68 -17.57 10.68
N LEU A 227 13.19 -18.23 9.62
CA LEU A 227 13.12 -17.62 8.30
C LEU A 227 11.67 -17.30 7.93
N PRO A 228 11.42 -16.16 7.28
CA PRO A 228 10.04 -15.79 6.95
C PRO A 228 9.50 -16.45 5.68
N SER A 229 10.37 -16.86 4.76
CA SER A 229 9.91 -17.43 3.51
C SER A 229 10.89 -18.49 3.03
N LEU A 230 10.41 -19.34 2.13
CA LEU A 230 11.26 -20.34 1.49
C LEU A 230 11.85 -19.79 0.21
N SER A 231 13.05 -20.28 -0.13
CA SER A 231 13.77 -19.85 -1.32
C SER A 231 14.13 -21.09 -2.13
N ILE A 232 13.41 -21.32 -3.23
CA ILE A 232 13.71 -22.42 -4.13
C ILE A 232 14.90 -22.00 -4.98
N SER A 233 16.09 -22.41 -4.58
CA SER A 233 17.33 -21.97 -5.22
C SER A 233 17.53 -22.75 -6.52
N GLY A 234 18.71 -22.61 -7.12
CA GLY A 234 19.04 -23.33 -8.33
C GLY A 234 19.17 -24.82 -8.09
N ILE A 235 18.20 -25.60 -8.59
CA ILE A 235 18.22 -27.04 -8.39
C ILE A 235 19.36 -27.64 -9.19
N ASN A 236 20.14 -28.51 -8.55
CA ASN A 236 21.24 -29.18 -9.24
C ASN A 236 20.72 -30.20 -10.25
N LYS A 237 19.74 -31.00 -9.85
CA LYS A 237 19.15 -31.99 -10.75
C LYS A 237 17.79 -32.40 -10.19
N THR A 238 16.91 -32.81 -11.09
CA THR A 238 15.58 -33.30 -10.73
C THR A 238 15.62 -34.82 -10.76
N VAL A 239 15.67 -35.44 -9.59
CA VAL A 239 15.77 -36.89 -9.47
C VAL A 239 14.37 -37.48 -9.36
N ILE A 240 13.36 -36.65 -9.64
CA ILE A 240 11.97 -37.07 -9.51
C ILE A 240 11.35 -37.21 -10.90
N LYS A 241 11.41 -38.42 -11.46
CA LYS A 241 10.69 -38.76 -12.69
C LYS A 241 9.40 -39.51 -12.39
N GLN A 242 8.82 -39.28 -11.21
CA GLN A 242 7.64 -40.00 -10.77
C GLN A 242 6.42 -39.60 -11.59
N LEU A 243 5.34 -40.35 -11.40
CA LEU A 243 4.08 -40.08 -12.09
C LEU A 243 3.10 -39.38 -11.15
N GLN A 250 4.92 -34.07 -12.84
CA GLN A 250 4.85 -33.85 -11.39
C GLN A 250 4.52 -32.40 -11.07
N ASN A 251 3.93 -32.18 -9.89
CA ASN A 251 3.48 -30.87 -9.48
C ASN A 251 4.57 -30.14 -8.70
N ILE A 252 4.20 -29.04 -8.03
CA ILE A 252 5.16 -28.22 -7.31
C ILE A 252 5.61 -28.88 -6.00
N LEU A 253 4.83 -29.82 -5.47
CA LEU A 253 5.10 -30.38 -4.16
C LEU A 253 6.52 -30.92 -3.98
N PRO A 254 7.12 -31.65 -4.93
CA PRO A 254 8.52 -32.07 -4.73
C PRO A 254 9.48 -30.91 -4.57
N TYR A 255 9.19 -29.75 -5.16
CA TYR A 255 10.10 -28.61 -5.04
C TYR A 255 10.09 -28.05 -3.61
N ILE A 256 8.92 -28.07 -2.96
CA ILE A 256 8.85 -27.61 -1.57
C ILE A 256 9.54 -28.59 -0.65
N GLU A 257 9.44 -29.89 -0.95
CA GLU A 257 10.08 -30.90 -0.11
C GLU A 257 11.59 -30.80 -0.20
N TYR A 258 12.13 -30.48 -1.38
CA TYR A 258 13.57 -30.32 -1.52
C TYR A 258 14.07 -29.10 -0.75
N ALA A 259 13.34 -27.98 -0.84
CA ALA A 259 13.72 -26.78 -0.11
C ALA A 259 13.60 -26.95 1.40
N MET A 260 12.76 -27.89 1.86
CA MET A 260 12.58 -28.12 3.29
C MET A 260 13.60 -29.10 3.87
N LYS A 261 14.20 -29.95 3.04
CA LYS A 261 15.24 -30.87 3.51
C LYS A 261 16.20 -31.10 2.35
N ASN A 262 17.29 -30.35 2.32
CA ASN A 262 18.27 -30.42 1.24
C ASN A 262 19.66 -30.63 1.82
N VAL A 263 20.54 -31.17 0.98
CA VAL A 263 21.94 -31.36 1.32
C VAL A 263 22.79 -30.70 0.24
N THR A 264 23.62 -29.73 0.65
CA THR A 264 24.46 -28.98 -0.27
C THR A 264 25.90 -29.46 -0.13
N GLN A 265 26.49 -29.86 -1.26
CA GLN A 265 27.85 -30.36 -1.30
C GLN A 265 28.78 -29.37 -2.01
N LYS A 266 28.58 -28.08 -1.76
CA LYS A 266 29.39 -27.05 -2.39
C LYS A 266 29.53 -25.89 -1.41
N ASN A 267 30.77 -25.52 -1.11
CA ASN A 267 31.06 -24.40 -0.22
C ASN A 267 32.52 -23.99 -0.43
N SER A 268 32.95 -22.99 0.34
CA SER A 268 34.32 -22.50 0.26
C SER A 268 34.74 -21.83 1.57
N GLU A 277 36.48 -25.11 0.08
CA GLU A 277 36.73 -26.33 0.84
C GLU A 277 35.71 -27.41 0.48
N THR A 278 34.64 -27.00 -0.22
CA THR A 278 33.56 -27.89 -0.64
C THR A 278 32.95 -28.61 0.57
N ILE A 279 32.40 -27.81 1.47
CA ILE A 279 31.81 -28.33 2.71
C ILE A 279 30.41 -28.85 2.43
N THR A 280 30.06 -29.97 3.07
CA THR A 280 28.74 -30.56 2.94
C THR A 280 27.82 -29.96 3.99
N GLN A 281 26.77 -29.27 3.55
CA GLN A 281 25.81 -28.63 4.42
C GLN A 281 24.43 -29.26 4.23
N GLU A 282 23.69 -29.40 5.32
CA GLU A 282 22.36 -30.01 5.31
C GLU A 282 21.40 -29.08 6.02
N CYS A 283 20.47 -28.48 5.26
CA CYS A 283 19.49 -27.55 5.79
C CYS A 283 18.12 -28.23 5.82
N THR A 284 17.48 -28.23 6.99
CA THR A 284 16.19 -28.87 7.17
C THR A 284 15.34 -28.03 8.11
N VAL A 285 14.03 -27.99 7.85
CA VAL A 285 13.07 -27.26 8.66
C VAL A 285 12.00 -28.24 9.12
N LYS A 286 11.66 -28.17 10.41
CA LYS A 286 10.69 -29.07 11.01
C LYS A 286 9.46 -28.32 11.52
N ASN A 287 9.13 -27.20 10.88
CA ASN A 287 8.00 -26.37 11.27
C ASN A 287 7.09 -26.15 10.07
N LEU A 288 5.78 -26.34 10.29
CA LEU A 288 4.77 -26.03 9.28
C LEU A 288 3.94 -24.85 9.76
N PRO A 289 4.27 -23.64 9.34
CA PRO A 289 3.58 -22.45 9.85
C PRO A 289 2.19 -22.31 9.20
N SER A 290 1.53 -21.20 9.53
CA SER A 290 0.19 -20.95 8.99
C SER A 290 0.24 -20.59 7.52
N VAL A 291 1.12 -19.66 7.14
CA VAL A 291 1.24 -19.18 5.77
C VAL A 291 2.61 -19.57 5.24
N LEU A 292 2.64 -20.16 4.05
CA LEU A 292 3.86 -20.57 3.38
C LEU A 292 4.19 -19.56 2.29
N SER A 293 5.33 -18.90 2.40
CA SER A 293 5.78 -17.93 1.42
C SER A 293 6.93 -18.53 0.62
N LEU A 294 6.72 -18.69 -0.68
CA LEU A 294 7.69 -19.33 -1.56
C LEU A 294 8.27 -18.30 -2.53
N GLU A 295 9.55 -18.49 -2.88
CA GLU A 295 10.26 -17.62 -3.80
C GLU A 295 10.89 -18.48 -4.90
N LEU A 296 10.28 -18.47 -6.08
CA LEU A 296 10.75 -19.30 -7.19
C LEU A 296 11.89 -18.59 -7.91
N SER A 297 13.09 -19.17 -7.83
CA SER A 297 14.27 -18.69 -8.53
C SER A 297 14.85 -19.87 -9.30
N LEU A 298 14.36 -20.08 -10.52
CA LEU A 298 14.73 -21.22 -11.34
C LEU A 298 15.42 -20.73 -12.62
N LEU A 299 15.74 -21.69 -13.48
CA LEU A 299 16.37 -21.43 -14.77
C LEU A 299 15.34 -21.50 -15.88
N ASP A 300 15.71 -20.93 -17.04
CA ASP A 300 14.80 -20.94 -18.18
C ASP A 300 14.62 -22.34 -18.74
N THR A 301 15.65 -23.18 -18.65
CA THR A 301 15.50 -24.58 -19.07
C THR A 301 14.51 -25.31 -18.17
N GLU A 302 14.53 -25.01 -16.86
CA GLU A 302 13.54 -25.55 -15.95
C GLU A 302 12.20 -24.84 -16.07
N PHE A 303 12.19 -23.59 -16.52
CA PHE A 303 10.96 -22.85 -16.73
C PHE A 303 10.25 -23.21 -18.03
N SER A 304 10.95 -23.88 -18.95
CA SER A 304 10.33 -24.33 -20.20
C SER A 304 9.66 -25.69 -20.04
N ASN A 305 10.32 -26.63 -19.37
CA ASN A 305 9.72 -27.94 -19.12
C ASN A 305 8.61 -27.86 -18.08
N ILE A 306 8.56 -26.80 -17.28
CA ILE A 306 7.58 -26.71 -16.21
C ILE A 306 6.18 -26.40 -16.74
N ARG A 307 6.09 -25.80 -17.94
CA ARG A 307 4.79 -25.47 -18.51
C ARG A 307 4.08 -26.67 -19.11
N SER A 308 4.82 -27.73 -19.46
CA SER A 308 4.17 -28.92 -20.00
C SER A 308 3.41 -29.69 -18.92
N SER A 309 3.87 -29.61 -17.68
CA SER A 309 3.20 -30.30 -16.57
C SER A 309 1.84 -29.66 -16.32
N LYS A 310 0.77 -30.38 -16.66
CA LYS A 310 -0.57 -29.85 -16.45
C LYS A 310 -0.89 -29.81 -14.96
N ASN A 311 -1.50 -28.71 -14.54
CA ASN A 311 -1.87 -28.49 -13.13
C ASN A 311 -0.65 -28.60 -12.22
N TRP A 312 0.45 -27.97 -12.63
CA TRP A 312 1.65 -27.98 -11.81
C TRP A 312 1.45 -27.17 -10.53
N LEU A 313 0.75 -26.04 -10.63
CA LEU A 313 0.45 -25.21 -9.46
C LEU A 313 -0.69 -25.86 -8.70
N THR A 314 -0.34 -26.65 -7.68
CA THR A 314 -1.35 -27.36 -6.89
C THR A 314 -2.15 -26.37 -6.06
N SER A 315 -3.48 -26.42 -6.19
CA SER A 315 -4.34 -25.50 -5.45
C SER A 315 -4.31 -25.81 -3.96
N GLU A 316 -4.70 -27.03 -3.58
CA GLU A 316 -4.73 -27.44 -2.19
C GLU A 316 -4.00 -28.77 -2.03
N PHE A 317 -3.25 -28.90 -0.94
CA PHE A 317 -2.55 -30.14 -0.66
C PHE A 317 -2.54 -30.37 0.85
N TYR A 318 -2.14 -31.58 1.23
CA TYR A 318 -2.04 -31.98 2.63
C TYR A 318 -0.60 -32.39 2.94
N GLY A 319 -0.19 -32.20 4.19
CA GLY A 319 1.16 -32.55 4.58
C GLY A 319 1.45 -32.37 6.05
N SER A 320 2.25 -33.28 6.61
CA SER A 320 2.67 -33.21 8.00
C SER A 320 4.13 -33.63 8.08
N ILE A 321 4.65 -33.70 9.30
CA ILE A 321 6.04 -34.10 9.56
C ILE A 321 6.02 -35.41 10.32
N ILE A 322 6.75 -36.41 9.80
CA ILE A 322 6.86 -37.71 10.45
C ILE A 322 8.31 -37.97 10.78
N LYS A 323 9.17 -38.02 9.75
CA LYS A 323 10.60 -38.17 9.93
C LYS A 323 11.22 -36.79 10.11
N ASN A 324 12.55 -36.72 10.02
CA ASN A 324 13.24 -35.42 10.12
C ASN A 324 13.03 -34.54 8.89
N LYS A 325 12.20 -34.97 7.94
CA LYS A 325 11.82 -34.19 6.77
C LYS A 325 10.31 -33.99 6.76
N ALA A 326 9.80 -33.41 5.67
CA ALA A 326 8.38 -33.14 5.51
C ALA A 326 7.92 -33.65 4.15
N VAL A 327 6.86 -34.46 4.15
CA VAL A 327 6.28 -35.01 2.94
C VAL A 327 4.91 -34.39 2.73
N LEU A 328 4.58 -34.09 1.47
CA LEU A 328 3.33 -33.44 1.11
C LEU A 328 2.61 -34.26 0.05
N ARG A 329 1.31 -34.48 0.26
CA ARG A 329 0.50 -35.28 -0.65
C ARG A 329 -0.65 -34.45 -1.19
N SER A 330 -1.19 -34.91 -2.33
CA SER A 330 -2.29 -34.19 -2.96
C SER A 330 -3.59 -34.35 -2.17
N THR A 331 -3.93 -35.59 -1.83
CA THR A 331 -5.13 -35.89 -1.06
C THR A 331 -4.76 -36.49 0.28
N ALA A 332 -5.72 -36.45 1.22
CA ALA A 332 -5.48 -37.02 2.54
C ALA A 332 -5.36 -38.54 2.48
N SER A 333 -6.02 -39.17 1.51
CA SER A 333 -5.93 -40.62 1.37
C SER A 333 -4.55 -41.08 0.90
N GLU A 334 -3.77 -40.19 0.29
CA GLU A 334 -2.44 -40.56 -0.18
C GLU A 334 -1.48 -40.81 0.97
N LEU A 335 -1.76 -40.28 2.16
CA LEU A 335 -0.89 -40.51 3.32
C LEU A 335 -1.74 -40.31 4.57
N LYS A 336 -1.97 -41.39 5.31
CA LYS A 336 -2.67 -41.31 6.58
C LYS A 336 -1.72 -40.75 7.64
N GLY A 337 -2.11 -39.64 8.26
CA GLY A 337 -1.22 -38.96 9.19
C GLY A 337 -1.02 -39.77 10.46
N THR A 338 0.22 -40.18 10.73
CA THR A 338 0.53 -40.83 12.00
C THR A 338 0.45 -39.86 13.17
N SER A 339 0.45 -38.56 12.90
CA SER A 339 0.33 -37.54 13.92
C SER A 339 -0.57 -36.44 13.36
N HIS A 340 -0.55 -35.27 14.00
CA HIS A 340 -1.36 -34.15 13.55
C HIS A 340 -0.99 -33.77 12.12
N ILE A 341 -2.01 -33.71 11.25
CA ILE A 341 -1.81 -33.40 9.84
C ILE A 341 -2.32 -31.99 9.58
N PHE A 342 -1.81 -31.39 8.50
CA PHE A 342 -2.16 -30.02 8.13
C PHE A 342 -2.58 -29.99 6.66
N LYS A 343 -3.51 -29.08 6.36
CA LYS A 343 -4.02 -28.88 5.00
C LYS A 343 -3.75 -27.44 4.58
N TYR A 344 -3.10 -27.29 3.43
CA TYR A 344 -2.72 -25.97 2.92
C TYR A 344 -3.47 -25.69 1.62
N GLU A 345 -4.00 -24.48 1.51
CA GLU A 345 -4.64 -24.00 0.29
C GLU A 345 -3.86 -22.80 -0.25
N LEU A 346 -3.89 -22.64 -1.57
CA LEU A 346 -3.13 -21.58 -2.24
C LEU A 346 -3.85 -20.26 -2.04
N ASN A 347 -3.32 -19.42 -1.15
CA ASN A 347 -3.92 -18.12 -0.87
C ASN A 347 -3.74 -17.15 -2.04
N GLY A 348 -2.74 -17.35 -2.87
CA GLY A 348 -2.47 -16.47 -3.99
C GLY A 348 -1.01 -16.51 -4.36
N TYR A 349 -0.72 -15.92 -5.52
CA TYR A 349 0.66 -15.87 -6.00
C TYR A 349 0.85 -14.67 -6.92
N VAL A 350 2.11 -14.30 -7.11
CA VAL A 350 2.50 -13.19 -7.98
C VAL A 350 3.25 -13.76 -9.17
N ALA A 351 2.80 -13.40 -10.37
CA ALA A 351 3.38 -13.91 -11.61
C ALA A 351 4.07 -12.79 -12.39
N LYS A 352 5.11 -13.17 -13.12
CA LYS A 352 5.81 -12.26 -14.01
C LYS A 352 5.29 -12.46 -15.43
N ILE A 353 5.04 -11.35 -16.12
CA ILE A 353 4.45 -11.37 -17.45
C ILE A 353 5.37 -10.63 -18.41
N THR A 354 5.94 -11.35 -19.37
CA THR A 354 6.71 -10.76 -20.45
C THR A 354 5.80 -10.68 -21.67
N ASP A 355 5.36 -9.46 -22.01
CA ASP A 355 4.32 -9.27 -23.01
C ASP A 355 4.89 -9.50 -24.42
N ASN A 356 4.08 -9.21 -25.42
CA ASN A 356 4.50 -9.42 -26.81
C ASN A 356 5.53 -8.38 -27.25
N ASN A 357 5.48 -7.18 -26.66
CA ASN A 357 6.43 -6.11 -26.97
C ASN A 357 7.74 -6.24 -26.19
N ASN A 358 8.00 -7.41 -25.60
CA ASN A 358 9.20 -7.68 -24.82
C ASN A 358 9.34 -6.79 -23.60
N GLU A 359 8.24 -6.21 -23.14
CA GLU A 359 8.21 -5.53 -21.85
C GLU A 359 7.81 -6.51 -20.76
N THR A 360 7.97 -6.11 -19.50
CA THR A 360 7.70 -7.02 -18.40
C THR A 360 7.11 -6.25 -17.23
N ARG A 361 6.24 -6.92 -16.48
CA ARG A 361 5.60 -6.36 -15.30
C ARG A 361 5.05 -7.52 -14.47
N LEU A 362 4.48 -7.19 -13.32
CA LEU A 362 3.97 -8.18 -12.38
C LEU A 362 2.45 -8.09 -12.27
N VAL A 363 1.85 -9.20 -11.88
CA VAL A 363 0.43 -9.29 -11.55
C VAL A 363 0.28 -10.10 -10.28
N THR A 364 -0.96 -10.17 -9.78
CA THR A 364 -1.23 -10.85 -8.53
C THR A 364 -2.54 -11.60 -8.61
N TYR A 365 -2.50 -12.90 -8.31
CA TYR A 365 -3.70 -13.73 -8.21
C TYR A 365 -4.05 -13.93 -6.75
N VAL A 366 -5.34 -13.94 -6.44
CA VAL A 366 -5.81 -13.84 -5.06
C VAL A 366 -7.14 -14.58 -4.93
N LYS A 367 -7.31 -15.26 -3.80
CA LYS A 367 -8.57 -15.88 -3.43
C LYS A 367 -9.20 -15.15 -2.25
N LYS A 368 -10.52 -15.28 -2.13
CA LYS A 368 -11.24 -14.78 -0.98
C LYS A 368 -12.44 -15.70 -0.73
N TYR A 369 -12.86 -15.77 0.53
CA TYR A 369 -13.83 -16.79 0.94
C TYR A 369 -15.25 -16.43 0.51
N ASN A 370 -15.78 -15.31 1.02
CA ASN A 370 -17.19 -14.98 0.88
C ASN A 370 -18.04 -16.13 1.38
N PRO A 371 -18.13 -16.34 2.70
CA PRO A 371 -18.73 -17.57 3.24
C PRO A 371 -20.22 -17.72 2.98
N LYS A 372 -20.85 -16.70 2.36
CA LYS A 372 -22.26 -16.79 2.05
C LYS A 372 -22.54 -17.92 1.06
N GLU A 373 -21.64 -18.13 0.11
CA GLU A 373 -21.79 -19.19 -0.88
C GLU A 373 -20.78 -20.32 -0.69
N ASN A 374 -19.87 -20.20 0.27
CA ASN A 374 -18.83 -21.18 0.58
C ASN A 374 -17.92 -21.46 -0.61
N CYS A 375 -17.94 -20.61 -1.63
CA CYS A 375 -17.09 -20.76 -2.80
C CYS A 375 -15.79 -19.98 -2.57
N PHE A 376 -15.00 -19.81 -3.64
CA PHE A 376 -13.78 -19.02 -3.58
C PHE A 376 -13.70 -18.18 -4.85
N LYS A 377 -13.65 -16.87 -4.69
CA LYS A 377 -13.57 -15.95 -5.83
C LYS A 377 -12.12 -15.62 -6.11
N TRP A 378 -11.66 -15.94 -7.32
CA TRP A 378 -10.32 -15.59 -7.75
C TRP A 378 -10.28 -14.19 -8.33
N LEU A 379 -9.12 -13.55 -8.27
CA LEU A 379 -8.98 -12.17 -8.70
C LEU A 379 -7.58 -11.95 -9.24
N MET A 380 -7.49 -11.58 -10.51
CA MET A 380 -6.24 -11.10 -11.09
C MET A 380 -6.12 -9.61 -10.85
N PHE A 381 -4.93 -9.17 -10.45
CA PHE A 381 -4.70 -7.79 -10.05
C PHE A 381 -3.58 -7.21 -10.90
N ASN A 382 -3.94 -6.34 -11.84
CA ASN A 382 -2.97 -5.49 -12.50
C ASN A 382 -2.82 -4.21 -11.67
N ASP A 383 -2.21 -3.16 -12.24
CA ASP A 383 -2.00 -1.93 -11.51
C ASP A 383 -3.32 -1.38 -10.98
N TYR A 384 -4.24 -0.99 -11.86
CA TYR A 384 -5.59 -0.61 -11.45
C TYR A 384 -6.65 -1.44 -12.15
N LEU A 385 -6.25 -2.46 -12.90
CA LEU A 385 -7.19 -3.39 -13.53
C LEU A 385 -7.47 -4.55 -12.59
N VAL A 386 -8.74 -4.86 -12.41
CA VAL A 386 -9.16 -5.94 -11.52
C VAL A 386 -10.26 -6.73 -12.22
N VAL A 387 -10.13 -8.05 -12.24
CA VAL A 387 -11.09 -8.93 -12.90
C VAL A 387 -11.33 -10.15 -12.04
N GLU A 388 -12.60 -10.55 -11.93
CA GLU A 388 -12.98 -11.78 -11.26
C GLU A 388 -12.86 -12.93 -12.24
N ILE A 389 -11.86 -13.78 -12.06
CA ILE A 389 -11.56 -14.85 -12.99
C ILE A 389 -11.87 -16.19 -12.32
N THR A 390 -11.94 -17.24 -13.14
CA THR A 390 -12.20 -18.58 -12.66
C THR A 390 -10.91 -19.23 -12.15
N GLU A 391 -11.07 -20.32 -11.41
CA GLU A 391 -9.91 -21.01 -10.85
C GLU A 391 -9.09 -21.71 -11.93
N GLU A 392 -9.75 -22.21 -12.98
CA GLU A 392 -9.03 -22.89 -14.05
C GLU A 392 -8.07 -21.94 -14.76
N GLU A 393 -8.54 -20.72 -15.05
CA GLU A 393 -7.68 -19.75 -15.73
C GLU A 393 -6.63 -19.18 -14.78
N ALA A 394 -6.90 -19.18 -13.47
CA ALA A 394 -5.96 -18.63 -12.51
C ALA A 394 -4.78 -19.54 -12.23
N LEU A 395 -4.92 -20.84 -12.47
CA LEU A 395 -3.86 -21.81 -12.21
C LEU A 395 -3.15 -22.28 -13.46
N LYS A 396 -3.55 -21.79 -14.63
CA LYS A 396 -2.98 -22.28 -15.89
C LYS A 396 -1.55 -21.76 -16.04
N MET A 397 -0.60 -22.69 -16.19
CA MET A 397 0.79 -22.37 -16.42
C MET A 397 1.24 -22.69 -17.85
N THR A 398 0.29 -22.90 -18.77
CA THR A 398 0.66 -23.27 -20.13
C THR A 398 1.17 -22.08 -20.92
N TYR A 399 0.74 -20.87 -20.57
CA TYR A 399 1.11 -19.69 -21.35
C TYR A 399 2.59 -19.39 -21.17
N PRO A 400 3.35 -19.23 -22.27
CA PRO A 400 4.80 -19.01 -22.14
C PRO A 400 5.17 -17.65 -21.59
N TRP A 401 4.24 -16.70 -21.52
CA TRP A 401 4.52 -15.38 -20.97
C TRP A 401 4.30 -15.30 -19.47
N LYS A 402 3.64 -16.29 -18.88
CA LYS A 402 3.40 -16.30 -17.44
C LYS A 402 4.53 -17.04 -16.72
N THR A 403 5.01 -16.46 -15.63
CA THR A 403 6.08 -17.05 -14.84
C THR A 403 5.80 -16.84 -13.36
N PRO A 404 5.57 -17.90 -12.60
CA PRO A 404 5.31 -17.74 -11.15
C PRO A 404 6.55 -17.23 -10.44
N GLU A 405 6.36 -16.20 -9.61
CA GLU A 405 7.45 -15.53 -8.92
C GLU A 405 7.41 -15.73 -7.41
N ILE A 406 6.28 -15.43 -6.78
CA ILE A 406 6.12 -15.58 -5.33
C ILE A 406 4.78 -16.24 -5.08
N ILE A 407 4.79 -17.47 -4.58
CA ILE A 407 3.58 -18.23 -4.30
C ILE A 407 3.36 -18.24 -2.80
N ILE A 408 2.09 -18.21 -2.38
CA ILE A 408 1.73 -18.19 -0.98
C ILE A 408 0.65 -19.23 -0.72
N TYR A 409 0.96 -20.20 0.13
CA TYR A 409 -0.01 -21.16 0.64
C TYR A 409 -0.38 -20.79 2.07
N CYS A 410 -1.65 -21.06 2.42
CA CYS A 410 -2.15 -20.72 3.74
C CYS A 410 -2.93 -21.90 4.30
N ASP A 411 -3.10 -21.90 5.62
CA ASP A 411 -3.87 -22.93 6.28
C ASP A 411 -5.32 -22.86 5.86
N ALA A 412 -5.95 -24.03 5.67
CA ALA A 412 -7.31 -24.08 5.16
C ALA A 412 -8.29 -23.41 6.11
N GLU A 413 -8.35 -23.89 7.36
CA GLU A 413 -9.27 -23.33 8.34
C GLU A 413 -8.91 -21.89 8.70
N GLU A 414 -7.66 -21.49 8.53
CA GLU A 414 -7.25 -20.13 8.84
C GLU A 414 -7.52 -19.15 7.70
N LEU A 415 -7.61 -19.66 6.46
CA LEU A 415 -7.94 -18.78 5.34
C LEU A 415 -9.39 -18.30 5.43
N ARG A 416 -10.29 -19.12 5.97
CA ARG A 416 -11.69 -18.75 6.10
C ARG A 416 -11.93 -17.69 7.17
N LYS A 417 -10.88 -17.29 7.91
CA LYS A 417 -11.06 -16.31 8.96
C LYS A 417 -11.48 -14.97 8.36
N PRO A 418 -12.49 -14.30 8.93
CA PRO A 418 -12.95 -13.03 8.35
C PRO A 418 -11.94 -11.92 8.56
N PHE A 419 -11.95 -10.97 7.62
CA PHE A 419 -11.07 -9.81 7.69
C PHE A 419 -11.68 -8.78 8.64
N PHE A 420 -11.01 -8.51 9.75
CA PHE A 420 -11.50 -7.58 10.75
C PHE A 420 -10.92 -6.19 10.51
N SER A 421 -11.79 -5.18 10.52
CA SER A 421 -11.36 -3.81 10.32
C SER A 421 -10.90 -3.21 11.64
N VAL A 422 -10.25 -2.04 11.55
CA VAL A 422 -9.79 -1.35 12.75
C VAL A 422 -10.97 -0.82 13.56
N ASP A 423 -12.11 -0.56 12.90
CA ASP A 423 -13.28 -0.04 13.59
C ASP A 423 -13.81 -1.02 14.64
N THR A 424 -13.45 -2.30 14.55
CA THR A 424 -13.87 -3.28 15.56
C THR A 424 -13.07 -3.19 16.84
N TYR A 425 -12.04 -2.34 16.89
CA TYR A 425 -11.19 -2.18 18.07
C TYR A 425 -11.52 -0.87 18.78
N SER A 426 -10.85 -0.64 19.90
CA SER A 426 -10.93 0.61 20.64
C SER A 426 -9.67 1.41 20.32
N ILE A 427 -9.84 2.48 19.56
CA ILE A 427 -8.71 3.26 19.02
C ILE A 427 -8.28 4.30 20.05
N ASN A 428 -6.99 4.62 20.04
CA ASN A 428 -6.41 5.60 20.95
C ASN A 428 -6.29 6.92 20.21
N TYR A 429 -7.08 7.92 20.62
CA TYR A 429 -7.12 9.22 19.98
C TYR A 429 -6.34 10.28 20.74
N ASP A 430 -5.37 9.88 21.56
CA ASP A 430 -4.64 10.81 22.41
C ASP A 430 -3.52 11.55 21.67
N ILE A 431 -3.50 11.50 20.34
CA ILE A 431 -2.51 12.25 19.58
C ILE A 431 -2.98 13.66 19.29
N LEU A 432 -4.28 13.86 19.07
CA LEU A 432 -4.82 15.20 18.90
C LEU A 432 -4.55 16.06 20.13
N PHE A 433 -4.65 15.47 21.31
CA PHE A 433 -4.39 16.18 22.56
C PHE A 433 -2.99 15.84 23.07
N ARG A 434 -1.99 16.40 22.41
CA ARG A 434 -0.59 16.18 22.78
C ARG A 434 0.27 17.20 22.05
N ASP A 435 1.57 17.14 22.34
CA ASP A 435 2.59 17.99 21.70
C ASP A 435 3.71 17.08 21.20
N TYR A 436 3.55 16.56 19.99
CA TYR A 436 4.52 15.65 19.40
C TYR A 436 5.42 16.37 18.39
N ALA A 445 8.37 30.18 13.22
CA ALA A 445 8.03 30.95 14.40
C ALA A 445 6.89 30.30 15.18
N ARG A 446 6.46 30.95 16.25
CA ARG A 446 5.37 30.42 17.06
C ARG A 446 4.05 30.54 16.32
N ARG A 447 3.26 29.47 16.38
CA ARG A 447 1.96 29.41 15.72
C ARG A 447 0.86 29.67 16.74
N GLU A 448 -0.03 30.61 16.42
CA GLU A 448 -1.13 30.97 17.31
C GLU A 448 -2.26 29.96 17.10
N TYR A 449 -2.28 28.93 17.94
CA TYR A 449 -3.32 27.92 17.88
C TYR A 449 -3.51 27.32 19.26
N LYS A 450 -4.76 26.99 19.61
CA LYS A 450 -5.11 26.38 20.88
C LYS A 450 -5.51 24.94 20.64
N LEU A 451 -4.90 24.02 21.38
CA LEU A 451 -5.24 22.61 21.27
C LEU A 451 -6.66 22.37 21.76
N LEU A 452 -7.29 21.34 21.21
CA LEU A 452 -8.65 21.00 21.58
C LEU A 452 -8.70 20.45 23.01
N THR A 453 -9.91 20.34 23.53
CA THR A 453 -10.15 19.81 24.86
C THR A 453 -11.07 18.59 24.79
N HIS A 454 -11.21 17.90 25.92
CA HIS A 454 -11.94 16.64 25.92
C HIS A 454 -13.45 16.83 25.77
N ASP A 455 -13.98 18.02 26.05
CA ASP A 455 -15.38 18.30 25.75
C ASP A 455 -15.61 18.69 24.30
N GLU A 456 -14.56 18.77 23.50
CA GLU A 456 -14.65 18.99 22.06
C GLU A 456 -14.47 17.70 21.28
N ALA A 457 -14.95 16.58 21.82
CA ALA A 457 -14.76 15.27 21.22
C ALA A 457 -15.39 15.23 19.83
N PRO A 458 -14.60 15.05 18.77
CA PRO A 458 -15.17 15.01 17.41
C PRO A 458 -16.01 13.77 17.20
N LYS A 459 -17.20 13.96 16.65
CA LYS A 459 -18.13 12.88 16.35
C LYS A 459 -18.37 12.82 14.84
N SER A 460 -19.31 11.98 14.44
CA SER A 460 -19.66 11.82 13.03
C SER A 460 -20.45 13.05 12.59
N GLY A 461 -19.76 14.02 12.00
CA GLY A 461 -20.41 15.22 11.52
C GLY A 461 -19.73 16.50 11.95
N THR A 462 -18.63 16.37 12.68
CA THR A 462 -17.89 17.54 13.15
C THR A 462 -17.22 18.24 11.98
N LEU A 463 -17.33 19.56 11.94
CA LEU A 463 -16.81 20.37 10.85
C LEU A 463 -15.37 20.80 11.16
N VAL A 464 -14.48 20.61 10.19
CA VAL A 464 -13.09 21.03 10.30
C VAL A 464 -12.64 21.57 8.95
N ALA A 465 -11.75 22.57 9.01
CA ALA A 465 -11.20 23.20 7.80
C ALA A 465 -9.75 22.76 7.65
N ILE A 466 -9.43 22.13 6.52
CA ILE A 466 -8.12 21.56 6.27
C ILE A 466 -7.51 22.24 5.05
N ASP A 467 -6.22 22.53 5.13
CA ASP A 467 -5.47 23.06 3.98
C ASP A 467 -4.02 22.66 4.16
N ALA A 468 -3.48 21.94 3.17
CA ALA A 468 -2.11 21.47 3.20
C ALA A 468 -1.25 22.27 2.23
N ALA A 469 0.06 22.25 2.48
CA ALA A 469 1.04 22.94 1.65
C ALA A 469 2.15 21.98 1.28
N PHE A 470 2.55 21.99 0.01
CA PHE A 470 3.48 21.02 -0.53
C PHE A 470 4.66 21.72 -1.17
N VAL A 471 5.76 20.97 -1.29
CA VAL A 471 6.96 21.44 -1.97
C VAL A 471 7.30 20.45 -3.08
N SER A 472 8.06 20.93 -4.05
CA SER A 472 8.45 20.12 -5.20
C SER A 472 9.77 19.42 -4.95
N LEU A 473 9.88 18.20 -5.48
CA LEU A 473 11.09 17.39 -5.31
C LEU A 473 11.79 17.08 -6.63
N GLN A 474 11.05 16.64 -7.65
CA GLN A 474 11.65 16.22 -8.90
C GLN A 474 10.82 16.77 -10.06
N SER A 475 11.48 16.88 -11.22
CA SER A 475 10.83 17.41 -12.42
C SER A 475 9.92 16.34 -13.02
N GLU A 476 9.38 16.63 -14.21
CA GLU A 476 8.49 15.67 -14.87
C GLU A 476 9.23 14.42 -15.29
N LEU A 477 10.43 14.58 -15.86
CA LEU A 477 11.28 13.46 -16.28
C LEU A 477 10.55 12.57 -17.28
N CYS A 478 10.21 13.16 -18.42
CA CYS A 478 9.53 12.46 -19.50
C CYS A 478 10.54 11.95 -20.53
N GLU A 479 10.06 11.08 -21.41
CA GLU A 479 10.90 10.49 -22.45
C GLU A 479 10.64 11.16 -23.80
N PRO A 491 5.75 13.32 -14.34
CA PRO A 491 5.50 13.46 -12.90
C PRO A 491 6.07 12.29 -12.10
N LYS A 492 6.97 12.58 -11.15
CA LYS A 492 7.58 11.53 -10.34
C LYS A 492 7.64 11.80 -8.85
N ARG A 493 7.58 13.06 -8.40
CA ARG A 493 7.79 13.32 -6.99
C ARG A 493 7.13 14.62 -6.57
N THR A 494 6.68 14.66 -5.32
CA THR A 494 6.18 15.83 -4.62
C THR A 494 6.08 15.48 -3.14
N ALA A 495 6.35 16.46 -2.28
CA ALA A 495 6.48 16.21 -0.85
C ALA A 495 5.51 17.08 -0.06
N LEU A 496 5.09 16.55 1.10
CA LEU A 496 4.23 17.28 2.02
C LEU A 496 5.07 18.05 3.02
N ALA A 497 4.68 19.29 3.28
CA ALA A 497 5.45 20.18 4.13
C ALA A 497 4.72 20.64 5.38
N ARG A 498 3.44 21.02 5.26
CA ARG A 498 2.74 21.63 6.38
C ARG A 498 1.23 21.58 6.12
N ILE A 499 0.48 21.17 7.14
CA ILE A 499 -0.98 21.19 7.09
C ILE A 499 -1.50 21.94 8.31
N SER A 500 -2.77 22.33 8.24
CA SER A 500 -3.41 23.07 9.33
C SER A 500 -4.90 22.76 9.34
N ILE A 501 -5.40 22.26 10.46
CA ILE A 501 -6.82 21.96 10.63
C ILE A 501 -7.42 23.01 11.55
N ILE A 502 -8.63 23.47 11.20
CA ILE A 502 -9.28 24.56 11.90
C ILE A 502 -10.59 24.05 12.49
N ARG A 503 -10.98 24.65 13.62
CA ARG A 503 -12.27 24.35 14.21
C ARG A 503 -13.40 24.92 13.36
N GLY A 504 -14.36 24.07 13.00
CA GLY A 504 -15.45 24.49 12.15
C GLY A 504 -16.79 24.55 12.85
N GLU A 505 -16.86 23.97 14.06
CA GLU A 505 -18.10 23.96 14.81
C GLU A 505 -18.34 25.31 15.48
N GLU A 506 -19.58 25.78 15.42
CA GLU A 506 -19.92 27.09 15.97
C GLU A 506 -19.78 27.09 17.48
N GLY A 507 -19.29 28.21 18.01
CA GLY A 507 -19.10 28.35 19.44
C GLY A 507 -18.05 29.41 19.73
N GLU A 508 -17.63 29.45 21.00
CA GLU A 508 -16.60 30.39 21.41
C GLU A 508 -15.29 30.12 20.67
N LEU A 509 -14.91 28.84 20.59
CA LEU A 509 -13.73 28.45 19.81
C LEU A 509 -14.18 28.10 18.41
N TYR A 510 -14.16 29.10 17.52
CA TYR A 510 -14.61 28.93 16.15
C TYR A 510 -13.61 29.60 15.22
N GLY A 511 -13.32 28.93 14.09
CA GLY A 511 -12.34 29.46 13.17
C GLY A 511 -10.93 29.52 13.71
N VAL A 512 -10.65 28.79 14.79
CA VAL A 512 -9.34 28.77 15.43
C VAL A 512 -8.74 27.38 15.23
N PRO A 513 -7.49 27.27 14.78
CA PRO A 513 -6.90 25.96 14.54
C PRO A 513 -6.56 25.26 15.86
N PHE A 514 -6.27 23.96 15.74
CA PHE A 514 -5.80 23.18 16.86
C PHE A 514 -4.54 22.38 16.56
N VAL A 515 -4.16 22.21 15.29
CA VAL A 515 -2.89 21.59 14.91
C VAL A 515 -2.33 22.36 13.72
N ASP A 516 -1.14 22.94 13.90
CA ASP A 516 -0.43 23.63 12.83
C ASP A 516 0.98 23.04 12.82
N ASP A 517 1.16 21.93 12.10
CA ASP A 517 2.40 21.16 12.13
C ASP A 517 3.11 21.23 10.79
N TYR A 518 4.44 21.21 10.86
CA TYR A 518 5.30 21.21 9.68
C TYR A 518 5.91 19.82 9.52
N VAL A 519 5.62 19.18 8.39
CA VAL A 519 6.13 17.83 8.15
C VAL A 519 7.62 17.89 7.85
N VAL A 520 8.41 17.14 8.62
CA VAL A 520 9.85 17.10 8.39
C VAL A 520 10.16 16.30 7.13
N ASN A 521 11.29 16.63 6.51
CA ASN A 521 11.71 15.95 5.29
C ASN A 521 13.21 16.11 5.13
N THR A 522 13.89 15.01 4.80
CA THR A 522 15.34 15.01 4.65
C THR A 522 15.80 14.97 3.20
N ASN A 523 14.91 14.68 2.25
CA ASN A 523 15.29 14.63 0.85
C ASN A 523 15.61 16.03 0.33
N HIS A 524 16.46 16.08 -0.69
CA HIS A 524 16.83 17.35 -1.31
C HIS A 524 15.63 17.93 -2.05
N ILE A 525 15.21 19.13 -1.66
CA ILE A 525 14.05 19.78 -2.27
C ILE A 525 14.50 20.58 -3.47
N GLU A 526 13.84 20.38 -4.61
CA GLU A 526 14.17 21.14 -5.81
C GLU A 526 13.72 22.58 -5.67
N ASP A 527 12.42 22.80 -5.46
CA ASP A 527 11.87 24.14 -5.25
C ASP A 527 10.91 24.09 -4.09
N TYR A 528 10.97 25.12 -3.23
CA TYR A 528 10.11 25.19 -2.06
C TYR A 528 8.74 25.79 -2.37
N LEU A 529 8.58 26.47 -3.49
CA LEU A 529 7.35 27.15 -3.85
C LEU A 529 6.93 28.14 -2.76
N THR A 530 7.86 29.03 -2.40
CA THR A 530 7.62 29.96 -1.30
C THR A 530 6.48 30.92 -1.61
N ARG A 531 6.31 31.30 -2.88
CA ARG A 531 5.22 32.20 -3.23
C ARG A 531 3.87 31.49 -3.16
N TYR A 532 3.83 30.20 -3.49
CA TYR A 532 2.60 29.43 -3.45
C TYR A 532 2.43 28.60 -2.18
N SER A 533 3.46 28.54 -1.33
CA SER A 533 3.39 27.78 -0.08
C SER A 533 4.31 28.46 0.92
N GLY A 534 3.77 28.86 2.06
CA GLY A 534 4.53 29.58 3.06
C GLY A 534 5.53 28.74 3.83
N ILE A 535 6.46 28.11 3.13
CA ILE A 535 7.50 27.29 3.75
C ILE A 535 8.84 27.85 3.29
N LEU A 536 9.48 28.62 4.16
CA LEU A 536 10.84 29.07 3.94
C LEU A 536 11.79 27.89 4.11
N PRO A 537 13.07 28.03 3.72
CA PRO A 537 14.02 26.93 3.93
C PRO A 537 14.33 26.68 5.40
N GLY A 538 13.28 26.49 6.20
CA GLY A 538 13.41 26.18 7.61
C GLY A 538 12.68 24.91 7.98
N ASP A 539 12.75 23.90 7.12
CA ASP A 539 12.04 22.64 7.33
C ASP A 539 13.06 21.51 7.34
N LEU A 540 13.66 21.27 8.51
CA LEU A 540 14.55 20.14 8.75
C LEU A 540 14.83 20.09 10.25
N ASP A 541 15.33 18.94 10.71
CA ASP A 541 15.44 18.68 12.14
C ASP A 541 16.29 19.72 12.88
N PRO A 542 17.60 19.88 12.59
CA PRO A 542 18.43 20.73 13.46
C PRO A 542 18.09 22.21 13.34
N GLU A 543 18.06 22.73 12.11
CA GLU A 543 17.75 24.13 11.85
C GLU A 543 16.36 24.24 11.26
N LYS A 544 15.52 25.08 11.85
CA LYS A 544 14.15 25.23 11.39
C LYS A 544 13.62 26.57 11.87
N SER A 545 12.37 26.85 11.52
CA SER A 545 11.67 28.04 11.99
C SER A 545 11.14 27.89 13.40
N THR A 546 11.56 26.84 14.12
CA THR A 546 11.10 26.56 15.48
C THR A 546 9.58 26.41 15.54
N LYS A 547 8.99 25.99 14.43
CA LYS A 547 7.55 25.74 14.39
C LYS A 547 7.27 24.32 14.91
N ARG A 548 6.04 23.86 14.76
CA ARG A 548 5.65 22.53 15.21
C ARG A 548 6.13 21.49 14.17
N LEU A 549 7.45 21.35 14.11
CA LEU A 549 8.04 20.35 13.22
C LEU A 549 7.74 18.95 13.73
N VAL A 550 7.21 18.11 12.85
CA VAL A 550 6.71 16.80 13.25
C VAL A 550 6.93 15.82 12.10
N ARG A 551 6.96 14.54 12.45
CA ARG A 551 7.16 13.50 11.45
C ARG A 551 5.90 13.29 10.64
N ARG A 552 6.06 12.66 9.46
CA ARG A 552 4.92 12.44 8.58
C ARG A 552 4.00 11.36 9.11
N ASN A 553 4.53 10.41 9.88
CA ASN A 553 3.71 9.29 10.35
C ASN A 553 2.64 9.75 11.33
N VAL A 554 2.98 10.72 12.18
CA VAL A 554 2.07 11.14 13.24
C VAL A 554 1.07 12.20 12.74
N VAL A 555 1.51 13.13 11.90
CA VAL A 555 0.59 14.10 11.33
C VAL A 555 -0.44 13.40 10.44
N TYR A 556 -0.04 12.29 9.82
CA TYR A 556 -0.99 11.47 9.07
C TYR A 556 -2.06 10.90 9.99
N ARG A 557 -1.68 10.53 11.21
CA ARG A 557 -2.65 9.91 12.12
C ARG A 557 -3.72 10.91 12.54
N LYS A 558 -3.34 12.17 12.74
CA LYS A 558 -4.33 13.19 13.09
C LYS A 558 -5.39 13.32 12.00
N VAL A 559 -4.97 13.27 10.74
CA VAL A 559 -5.94 13.31 9.64
C VAL A 559 -6.71 12.00 9.56
N TRP A 560 -6.02 10.87 9.79
CA TRP A 560 -6.66 9.57 9.66
C TRP A 560 -7.71 9.36 10.76
N LEU A 561 -7.45 9.85 11.97
CA LEU A 561 -8.42 9.68 13.05
C LEU A 561 -9.68 10.50 12.82
N LEU A 562 -9.55 11.69 12.22
CA LEU A 562 -10.73 12.49 11.94
C LEU A 562 -11.61 11.84 10.88
N MET A 563 -10.99 11.29 9.83
CA MET A 563 -11.75 10.52 8.84
C MET A 563 -12.34 9.27 9.46
N GLN A 564 -11.63 8.66 10.41
CA GLN A 564 -12.15 7.46 11.08
C GLN A 564 -13.40 7.78 11.88
N LEU A 565 -13.40 8.88 12.63
CA LEU A 565 -14.53 9.24 13.46
C LEU A 565 -15.71 9.79 12.66
N GLY A 566 -15.49 10.18 11.42
CA GLY A 566 -16.53 10.74 10.60
C GLY A 566 -16.56 12.25 10.50
N CYS A 567 -15.42 12.91 10.69
CA CYS A 567 -15.38 14.36 10.61
C CYS A 567 -15.53 14.83 9.17
N VAL A 568 -16.24 15.94 8.99
CA VAL A 568 -16.47 16.53 7.68
C VAL A 568 -15.42 17.60 7.44
N PHE A 569 -14.71 17.49 6.31
CA PHE A 569 -13.65 18.41 5.96
C PHE A 569 -14.13 19.43 4.95
N VAL A 570 -13.73 20.69 5.15
CA VAL A 570 -14.00 21.77 4.20
C VAL A 570 -12.68 22.36 3.75
N GLY A 571 -12.68 22.91 2.55
CA GLY A 571 -11.47 23.49 1.99
C GLY A 571 -11.64 23.77 0.52
N HIS A 572 -10.53 24.21 -0.09
CA HIS A 572 -10.48 24.57 -1.50
C HIS A 572 -9.57 23.59 -2.22
N GLY A 573 -10.15 22.70 -3.00
CA GLY A 573 -9.39 21.71 -3.73
C GLY A 573 -8.91 20.57 -2.85
N LEU A 574 -9.83 19.98 -2.08
CA LEU A 574 -9.45 18.89 -1.18
C LEU A 574 -9.15 17.61 -1.94
N ASN A 575 -9.74 17.43 -3.12
CA ASN A 575 -9.49 16.24 -3.91
C ASN A 575 -8.05 16.15 -4.39
N ASN A 576 -7.34 17.27 -4.43
CA ASN A 576 -5.93 17.29 -4.80
C ASN A 576 -5.01 17.10 -3.59
N ASP A 577 -5.39 17.65 -2.44
CA ASP A 577 -4.57 17.52 -1.24
C ASP A 577 -4.50 16.06 -0.79
N PHE A 578 -5.66 15.42 -0.60
CA PHE A 578 -5.70 14.05 -0.09
C PHE A 578 -4.96 13.09 -1.01
N LYS A 579 -4.90 13.40 -2.31
CA LYS A 579 -4.15 12.53 -3.22
C LYS A 579 -2.66 12.59 -2.94
N HIS A 580 -2.15 13.73 -2.45
CA HIS A 580 -0.74 13.86 -2.16
C HIS A 580 -0.41 13.56 -0.70
N ILE A 581 -1.36 13.72 0.21
CA ILE A 581 -1.20 13.22 1.57
C ILE A 581 -1.43 11.71 1.63
N ASN A 582 -1.90 11.12 0.54
CA ASN A 582 -2.11 9.68 0.42
C ASN A 582 -3.15 9.19 1.44
N ILE A 583 -4.36 9.73 1.32
CA ILE A 583 -5.49 9.30 2.11
C ILE A 583 -6.76 9.49 1.29
N ASN A 584 -7.71 8.59 1.45
CA ASN A 584 -8.97 8.62 0.74
C ASN A 584 -10.10 8.93 1.72
N VAL A 585 -10.75 10.06 1.52
CA VAL A 585 -11.88 10.49 2.34
C VAL A 585 -13.14 10.41 1.49
N PRO A 586 -14.23 9.83 1.98
CA PRO A 586 -15.45 9.71 1.17
C PRO A 586 -16.06 11.06 0.86
N ARG A 587 -17.02 11.05 -0.06
CA ARG A 587 -17.68 12.27 -0.50
C ARG A 587 -18.57 12.87 0.59
N ASN A 588 -19.05 12.04 1.53
CA ASN A 588 -19.90 12.54 2.60
C ASN A 588 -19.14 13.38 3.62
N GLN A 589 -17.81 13.41 3.54
CA GLN A 589 -17.00 14.15 4.50
C GLN A 589 -16.15 15.24 3.87
N ILE A 590 -16.30 15.49 2.57
CA ILE A 590 -15.51 16.50 1.86
C ILE A 590 -16.45 17.57 1.34
N ARG A 591 -16.21 18.81 1.74
CA ARG A 591 -16.96 19.98 1.26
C ARG A 591 -15.95 20.89 0.55
N ASP A 592 -15.80 20.70 -0.75
CA ASP A 592 -14.83 21.44 -1.54
C ASP A 592 -15.50 22.69 -2.09
N THR A 593 -15.01 23.86 -1.66
CA THR A 593 -15.55 25.12 -2.16
C THR A 593 -15.28 25.31 -3.64
N ALA A 594 -14.29 24.62 -4.20
CA ALA A 594 -14.03 24.72 -5.64
C ALA A 594 -15.14 24.04 -6.44
N ILE A 595 -15.68 22.94 -5.92
CA ILE A 595 -16.76 22.25 -6.61
C ILE A 595 -18.07 23.01 -6.48
N TYR A 596 -18.33 23.59 -5.30
CA TYR A 596 -19.56 24.34 -5.10
C TYR A 596 -19.60 25.60 -5.95
N PHE A 597 -18.48 26.31 -6.04
CA PHE A 597 -18.38 27.56 -6.79
C PHE A 597 -17.90 27.33 -8.23
N LEU A 598 -18.18 26.17 -8.80
CA LEU A 598 -17.67 25.81 -10.11
C LEU A 598 -18.73 26.04 -11.18
N GLN A 599 -18.33 26.71 -12.26
CA GLN A 599 -19.11 26.75 -13.49
C GLN A 599 -18.83 25.47 -14.26
N GLY A 600 -19.20 25.43 -15.54
CA GLY A 600 -18.89 24.27 -16.36
C GLY A 600 -17.41 23.92 -16.35
N LYS A 601 -16.54 24.93 -16.32
CA LYS A 601 -15.10 24.75 -16.21
C LYS A 601 -14.54 25.97 -15.50
N ARG A 602 -13.22 26.15 -15.59
CA ARG A 602 -12.54 27.33 -15.04
C ARG A 602 -12.80 27.46 -13.53
N TYR A 603 -12.22 26.51 -12.80
CA TYR A 603 -12.24 26.57 -11.34
C TYR A 603 -11.70 27.90 -10.86
N LEU A 604 -12.47 28.56 -9.98
CA LEU A 604 -12.12 29.90 -9.53
C LEU A 604 -11.06 29.84 -8.44
N SER A 605 -10.15 30.81 -8.47
CA SER A 605 -9.09 30.88 -7.47
C SER A 605 -9.65 31.34 -6.13
N LEU A 606 -8.96 30.94 -5.06
CA LEU A 606 -9.38 31.33 -3.72
C LEU A 606 -9.23 32.84 -3.50
N ARG A 607 -8.22 33.44 -4.12
CA ARG A 607 -8.07 34.89 -4.03
C ARG A 607 -9.24 35.62 -4.70
N TYR A 608 -9.75 35.06 -5.80
CA TYR A 608 -10.84 35.71 -6.51
C TYR A 608 -12.15 35.59 -5.72
N LEU A 609 -12.47 34.39 -5.26
CA LEU A 609 -13.70 34.20 -4.50
C LEU A 609 -13.70 34.99 -3.20
N ALA A 610 -12.53 35.15 -2.57
CA ALA A 610 -12.44 35.96 -1.35
C ALA A 610 -12.61 37.44 -1.63
N TYR A 611 -12.47 37.87 -2.88
CA TYR A 611 -12.62 39.27 -3.25
C TYR A 611 -13.99 39.56 -3.87
N VAL A 612 -14.50 38.67 -4.73
CA VAL A 612 -15.76 38.94 -5.40
C VAL A 612 -16.97 38.55 -4.54
N LEU A 613 -16.78 37.67 -3.54
CA LEU A 613 -17.86 37.27 -2.66
C LEU A 613 -17.73 37.83 -1.25
N LEU A 614 -16.53 38.21 -0.82
CA LEU A 614 -16.29 38.76 0.50
C LEU A 614 -15.45 40.02 0.37
N GLY A 615 -15.30 40.74 1.48
CA GLY A 615 -14.59 41.99 1.49
C GLY A 615 -13.19 41.93 2.06
N MET A 616 -12.44 40.88 1.74
CA MET A 616 -11.08 40.69 2.21
C MET A 616 -10.15 40.45 1.03
N ASN A 617 -8.91 40.92 1.17
CA ASN A 617 -7.88 40.79 0.15
C ASN A 617 -6.86 39.77 0.65
N ILE A 618 -7.04 38.52 0.24
CA ILE A 618 -6.15 37.45 0.65
C ILE A 618 -5.19 37.15 -0.50
N GLN A 619 -4.16 36.35 -0.21
CA GLN A 619 -3.16 35.86 -1.16
C GLN A 619 -2.21 36.95 -1.62
N GLU A 620 -2.25 38.13 -1.01
CA GLU A 620 -1.32 39.20 -1.34
C GLU A 620 0.05 38.85 -0.75
N GLY A 621 0.95 38.34 -1.59
CA GLY A 621 2.26 37.93 -1.12
C GLY A 621 2.38 36.42 -0.99
N ASN A 622 3.28 35.98 -0.12
CA ASN A 622 3.47 34.55 0.10
C ASN A 622 2.24 33.93 0.76
N HIS A 623 1.88 32.73 0.32
CA HIS A 623 0.69 32.06 0.82
C HIS A 623 0.90 31.62 2.28
N ASP A 624 -0.19 31.20 2.89
CA ASP A 624 -0.14 30.70 4.27
C ASP A 624 -1.38 29.84 4.48
N SER A 625 -1.18 28.56 4.81
CA SER A 625 -2.29 27.62 4.84
C SER A 625 -3.32 27.98 5.90
N ILE A 626 -2.89 28.59 7.01
CA ILE A 626 -3.83 28.97 8.05
C ILE A 626 -4.76 30.08 7.56
N GLU A 627 -4.34 30.83 6.55
CA GLU A 627 -5.20 31.85 5.96
C GLU A 627 -6.15 31.24 4.92
N ASP A 628 -5.65 30.30 4.12
CA ASP A 628 -6.49 29.67 3.11
C ASP A 628 -7.53 28.75 3.75
N ALA A 629 -7.16 28.08 4.83
CA ALA A 629 -8.13 27.22 5.52
C ALA A 629 -9.19 28.04 6.25
N HIS A 630 -8.84 29.25 6.69
CA HIS A 630 -9.81 30.08 7.38
C HIS A 630 -10.82 30.70 6.42
N THR A 631 -10.35 31.12 5.24
CA THR A 631 -11.26 31.72 4.27
C THR A 631 -12.08 30.67 3.53
N ALA A 632 -11.52 29.48 3.32
CA ALA A 632 -12.30 28.39 2.74
C ALA A 632 -13.42 27.94 3.66
N LEU A 633 -13.31 28.23 4.96
CA LEU A 633 -14.36 27.88 5.90
C LEU A 633 -15.53 28.86 5.81
N ILE A 634 -15.24 30.16 5.77
CA ILE A 634 -16.29 31.16 5.68
C ILE A 634 -16.89 31.19 4.28
N LEU A 635 -16.15 30.74 3.25
CA LEU A 635 -16.76 30.55 1.95
C LEU A 635 -17.85 29.50 1.99
N TYR A 636 -17.61 28.42 2.76
CA TYR A 636 -18.65 27.42 2.95
C TYR A 636 -19.83 27.99 3.75
N LYS A 637 -19.54 28.91 4.68
CA LYS A 637 -20.63 29.60 5.38
C LYS A 637 -21.33 30.59 4.47
N LYS A 638 -20.59 31.23 3.55
CA LYS A 638 -21.22 32.09 2.56
C LYS A 638 -21.99 31.27 1.54
N TYR A 639 -21.51 30.06 1.22
CA TYR A 639 -22.25 29.15 0.35
C TYR A 639 -23.56 28.72 1.01
N LEU A 640 -23.54 28.52 2.32
CA LEU A 640 -24.76 28.12 3.03
C LEU A 640 -25.75 29.27 3.11
N HIS A 641 -25.27 30.51 3.17
CA HIS A 641 -26.18 31.66 3.15
C HIS A 641 -26.89 31.78 1.81
N LEU A 642 -26.14 31.67 0.71
CA LEU A 642 -26.73 31.71 -0.61
C LEU A 642 -27.48 30.43 -0.96
N LYS A 643 -27.39 29.40 -0.12
CA LYS A 643 -28.13 28.16 -0.35
C LYS A 643 -29.49 28.16 0.35
N GLU A 644 -29.53 28.61 1.60
CA GLU A 644 -30.80 28.71 2.32
C GLU A 644 -31.75 29.65 1.59
N LYS A 645 -31.30 30.87 1.31
CA LYS A 645 -32.05 31.78 0.45
C LYS A 645 -31.85 31.38 -1.00
N ALA A 646 -32.95 31.29 -1.76
CA ALA A 646 -32.88 30.80 -3.13
C ALA A 646 -32.22 31.82 -4.06
N ILE A 647 -30.93 32.05 -3.87
CA ILE A 647 -30.19 33.08 -4.59
C ILE A 647 -28.98 32.40 -5.23
N PHE A 648 -28.75 31.13 -4.86
CA PHE A 648 -27.55 30.38 -5.23
C PHE A 648 -27.12 30.59 -6.67
N GLU A 649 -28.03 30.39 -7.62
CA GLU A 649 -27.65 30.48 -9.03
C GLU A 649 -27.45 31.92 -9.47
N LYS A 650 -28.17 32.86 -8.85
CA LYS A 650 -28.05 34.27 -9.23
C LYS A 650 -26.64 34.78 -8.96
N VAL A 651 -26.00 34.31 -7.90
CA VAL A 651 -24.62 34.71 -7.62
C VAL A 651 -23.65 33.96 -8.52
N LEU A 652 -23.92 32.67 -8.77
CA LEU A 652 -23.01 31.86 -9.58
C LEU A 652 -22.91 32.39 -11.01
N ASN A 653 -24.06 32.77 -11.60
CA ASN A 653 -24.04 33.32 -12.95
C ASN A 653 -23.58 34.77 -12.99
N SER A 654 -23.58 35.47 -11.85
CA SER A 654 -23.14 36.85 -11.84
C SER A 654 -21.62 36.96 -11.75
N VAL A 655 -20.99 36.12 -10.94
CA VAL A 655 -19.54 36.15 -10.84
C VAL A 655 -18.91 35.63 -12.14
N TYR A 656 -19.57 34.69 -12.81
CA TYR A 656 -19.06 34.21 -14.09
C TYR A 656 -19.20 35.26 -15.18
N GLU A 657 -20.33 35.97 -15.20
CA GLU A 657 -20.52 37.03 -16.18
C GLU A 657 -19.55 38.19 -15.91
N GLU A 658 -19.41 38.60 -14.64
CA GLU A 658 -18.45 39.63 -14.30
C GLU A 658 -17.02 39.13 -14.37
N GLY A 659 -16.81 37.80 -14.38
CA GLY A 659 -15.48 37.27 -14.52
C GLY A 659 -14.87 37.50 -15.89
N ARG A 660 -15.73 37.61 -16.92
CA ARG A 660 -15.23 37.93 -18.25
C ARG A 660 -14.81 39.39 -18.37
N ALA A 661 -15.43 40.27 -17.57
CA ALA A 661 -15.09 41.69 -17.63
C ALA A 661 -13.71 41.96 -17.06
N HIS A 662 -13.40 41.36 -15.90
CA HIS A 662 -12.11 41.53 -15.27
C HIS A 662 -11.10 40.45 -15.65
N ASN A 663 -11.49 39.51 -16.51
CA ASN A 663 -10.62 38.42 -16.96
C ASN A 663 -10.08 37.61 -15.79
N PHE A 664 -10.87 37.51 -14.71
CA PHE A 664 -10.48 36.80 -13.49
C PHE A 664 -9.16 37.34 -12.94
N LYS A 665 -9.09 38.66 -12.78
CA LYS A 665 -7.90 39.32 -12.27
C LYS A 665 -8.27 40.70 -11.76
N VAL A 666 -7.81 41.04 -10.57
CA VAL A 666 -8.08 42.33 -9.96
C VAL A 666 -7.08 42.58 -8.83
N PRO A 667 -6.42 43.75 -8.80
CA PRO A 667 -5.46 44.07 -7.75
C PRO A 667 -6.13 44.36 -6.40
#